data_5TTV
#
_entry.id   5TTV
#
_cell.length_a   46.628
_cell.length_b   75.661
_cell.length_c   88.740
_cell.angle_alpha   90.000
_cell.angle_beta   90.000
_cell.angle_gamma   90.000
#
_symmetry.space_group_name_H-M   'P 21 21 21'
#
loop_
_entity.id
_entity.type
_entity.pdbx_description
1 polymer 'Tyrosine-protein kinase JAK3'
2 non-polymer N-[3-(7H-pyrrolo[2,3-d]pyrimidin-4-yl)phenyl]propanamide
3 water water
#
_entity_poly.entity_id   1
_entity_poly.type   'polypeptide(L)'
_entity_poly.pdbx_seq_one_letter_code
;MGHHHHHHQDPTIFEERHLKYISQLGKGNFGSVELCRYDPLGDNTGALVAVKQLQHSGPDQQRDFQREIQILKALHSDFI
VKYRGVSYGPGRQSLRLVMEYLPSGCLRDFLQRHRARLDASRLLLYSSQICKGMEYLGSRRCVHRDLAARNILVESEAHV
KIADFGLAKLLPLDKDYYVVREPGQSPIFWYAPESLSDNIFSRQSDVWSFGVVLYELFTYCDKSCSPSAEFLRMMGCERD
VPALSRLLELLEEGQRLPAPPACPAEVHELMKLCWAPSPQDRPSFSALGPQLDMLWSGSRGCETHAFTAHPEGKHHSLSF
S
;
_entity_poly.pdbx_strand_id   A
#
loop_
_chem_comp.id
_chem_comp.type
_chem_comp.name
_chem_comp.formula
7KX non-polymer N-[3-(7H-pyrrolo[2,3-d]pyrimidin-4-yl)phenyl]propanamide 'C15 H14 N4 O'
#
# COMPACT_ATOMS: atom_id res chain seq x y z
N PRO A 11 21.80 -16.80 6.28
CA PRO A 11 20.33 -16.91 6.22
C PRO A 11 19.72 -15.94 5.22
N THR A 12 20.18 -14.68 5.26
CA THR A 12 19.74 -13.57 4.43
C THR A 12 20.30 -13.64 2.97
N ILE A 13 21.34 -14.49 2.70
CA ILE A 13 21.93 -14.69 1.36
C ILE A 13 21.28 -15.92 0.71
N PHE A 14 20.26 -15.70 -0.17
CA PHE A 14 19.57 -16.80 -0.87
C PHE A 14 20.29 -17.00 -2.21
N GLU A 15 20.75 -18.22 -2.49
CA GLU A 15 21.44 -18.45 -3.77
C GLU A 15 20.46 -18.62 -4.92
N GLU A 16 20.66 -17.79 -5.98
CA GLU A 16 19.83 -17.73 -7.19
C GLU A 16 19.70 -19.11 -7.86
N ARG A 17 20.73 -19.93 -7.73
CA ARG A 17 20.69 -21.28 -8.27
C ARG A 17 19.60 -22.09 -7.54
N HIS A 18 19.40 -21.82 -6.24
CA HIS A 18 18.44 -22.52 -5.40
C HIS A 18 17.08 -21.84 -5.44
N LEU A 19 16.99 -20.72 -6.17
CA LEU A 19 15.74 -20.00 -6.33
C LEU A 19 15.16 -20.48 -7.64
N LYS A 20 14.10 -21.29 -7.52
CA LYS A 20 13.42 -21.97 -8.63
C LYS A 20 12.11 -21.26 -8.97
N TYR A 21 11.96 -20.77 -10.21
CA TYR A 21 10.75 -20.01 -10.64
C TYR A 21 9.44 -20.82 -10.62
N ILE A 22 8.37 -20.22 -10.06
CA ILE A 22 7.02 -20.79 -10.13
C ILE A 22 6.12 -19.91 -10.99
N SER A 23 5.64 -18.78 -10.45
CA SER A 23 4.73 -17.98 -11.28
C SER A 23 5.01 -16.48 -11.20
N GLN A 24 4.25 -15.65 -11.97
CA GLN A 24 4.37 -14.19 -11.90
C GLN A 24 3.39 -13.80 -10.82
N LEU A 25 3.82 -13.06 -9.78
CA LEU A 25 2.85 -12.65 -8.77
C LEU A 25 2.23 -11.30 -9.16
N GLY A 26 3.03 -10.45 -9.78
CA GLY A 26 2.57 -9.16 -10.24
C GLY A 26 3.60 -8.28 -10.91
N LYS A 27 3.10 -7.15 -11.40
CA LYS A 27 3.85 -6.11 -12.08
C LYS A 27 3.32 -4.73 -11.67
N GLY A 28 4.22 -3.89 -11.19
CA GLY A 28 3.88 -2.54 -10.77
C GLY A 28 5.09 -1.73 -10.39
N ASN A 29 5.10 -0.44 -10.80
CA ASN A 29 6.15 0.56 -10.56
C ASN A 29 7.56 0.07 -11.01
N PHE A 30 7.70 -0.17 -12.33
CA PHE A 30 8.89 -0.62 -13.11
C PHE A 30 9.29 -2.09 -12.92
N GLY A 31 9.21 -2.61 -11.70
CA GLY A 31 9.63 -3.98 -11.43
C GLY A 31 8.58 -5.06 -11.62
N SER A 32 8.84 -6.24 -11.03
CA SER A 32 7.96 -7.42 -11.08
C SER A 32 8.20 -8.30 -9.83
N VAL A 33 7.17 -9.06 -9.39
CA VAL A 33 7.35 -9.91 -8.22
C VAL A 33 7.12 -11.36 -8.65
N GLU A 34 8.06 -12.27 -8.38
CA GLU A 34 7.83 -13.64 -8.83
C GLU A 34 7.73 -14.63 -7.71
N LEU A 35 6.87 -15.61 -7.93
CA LEU A 35 6.73 -16.65 -6.94
C LEU A 35 7.84 -17.65 -7.20
N CYS A 36 8.70 -17.84 -6.24
CA CYS A 36 9.78 -18.79 -6.34
C CYS A 36 9.72 -19.70 -5.15
N ARG A 37 10.43 -20.81 -5.25
CA ARG A 37 10.58 -21.83 -4.23
C ARG A 37 12.07 -21.77 -3.90
N TYR A 38 12.42 -21.62 -2.62
CA TYR A 38 13.83 -21.64 -2.25
C TYR A 38 14.06 -23.07 -1.91
N ASP A 39 14.54 -23.78 -2.93
CA ASP A 39 14.73 -25.23 -2.98
C ASP A 39 16.22 -25.62 -3.08
N PRO A 40 16.99 -25.57 -1.98
CA PRO A 40 18.42 -25.96 -2.07
C PRO A 40 18.61 -27.46 -2.28
N LEU A 41 17.61 -28.26 -1.84
CA LEU A 41 17.64 -29.70 -2.01
C LEU A 41 17.27 -30.16 -3.44
N GLY A 42 16.76 -29.23 -4.27
CA GLY A 42 16.41 -29.46 -5.68
C GLY A 42 15.47 -30.64 -5.90
N ASP A 43 14.45 -30.71 -5.04
CA ASP A 43 13.49 -31.82 -4.98
C ASP A 43 12.04 -31.37 -4.71
N ASN A 44 11.76 -30.05 -4.88
CA ASN A 44 10.45 -29.39 -4.68
C ASN A 44 9.86 -29.53 -3.27
N THR A 45 10.70 -29.38 -2.22
CA THR A 45 10.21 -29.47 -0.83
C THR A 45 10.42 -28.17 -0.02
N GLY A 46 11.35 -27.35 -0.49
CA GLY A 46 11.71 -26.08 0.13
C GLY A 46 10.60 -25.05 0.23
N ALA A 47 10.82 -24.04 1.08
CA ALA A 47 9.84 -22.97 1.33
C ALA A 47 9.57 -22.04 0.11
N LEU A 48 8.33 -21.53 0.02
CA LEU A 48 8.00 -20.62 -1.07
C LEU A 48 8.35 -19.20 -0.62
N VAL A 49 8.91 -18.37 -1.51
CA VAL A 49 9.23 -16.96 -1.20
C VAL A 49 8.85 -16.05 -2.36
N ALA A 50 8.63 -14.75 -2.09
CA ALA A 50 8.24 -13.77 -3.10
C ALA A 50 9.46 -12.94 -3.46
N VAL A 51 9.90 -13.02 -4.72
CA VAL A 51 11.12 -12.35 -5.15
C VAL A 51 10.86 -11.18 -6.06
N LYS A 52 11.42 -10.00 -5.69
CA LYS A 52 11.26 -8.77 -6.48
C LYS A 52 12.54 -8.42 -7.20
N GLN A 53 12.40 -8.03 -8.48
CA GLN A 53 13.51 -7.65 -9.36
C GLN A 53 13.06 -6.50 -10.24
N LEU A 54 13.99 -5.66 -10.72
CA LEU A 54 13.67 -4.52 -11.58
C LEU A 54 13.28 -4.97 -12.98
N GLY A 58 18.12 0.48 -16.23
CA GLY A 58 17.63 1.55 -15.38
C GLY A 58 18.68 2.08 -14.42
N PRO A 59 19.06 3.40 -14.50
CA PRO A 59 20.07 3.94 -13.59
C PRO A 59 19.51 4.48 -12.26
N ASP A 60 18.39 5.26 -12.31
CA ASP A 60 17.70 5.82 -11.15
C ASP A 60 16.73 4.77 -10.61
N GLN A 61 16.49 3.75 -11.43
CA GLN A 61 15.67 2.59 -11.11
C GLN A 61 16.51 1.71 -10.18
N GLN A 62 17.82 1.53 -10.50
CA GLN A 62 18.76 0.75 -9.68
C GLN A 62 19.04 1.43 -8.33
N ARG A 63 18.97 2.77 -8.27
CA ARG A 63 19.16 3.48 -7.00
C ARG A 63 17.88 3.33 -6.16
N ASP A 64 16.71 3.23 -6.83
CA ASP A 64 15.39 3.09 -6.21
C ASP A 64 15.06 1.69 -5.71
N PHE A 65 15.77 0.67 -6.21
CA PHE A 65 15.63 -0.73 -5.81
C PHE A 65 16.36 -0.93 -4.49
N GLN A 66 17.62 -0.43 -4.43
CA GLN A 66 18.50 -0.43 -3.27
C GLN A 66 17.85 0.39 -2.16
N ARG A 67 17.05 1.40 -2.55
CA ARG A 67 16.28 2.23 -1.62
C ARG A 67 15.20 1.33 -1.00
N GLU A 68 14.42 0.62 -1.84
CA GLU A 68 13.34 -0.26 -1.38
C GLU A 68 13.86 -1.32 -0.40
N ILE A 69 15.02 -1.94 -0.73
CA ILE A 69 15.69 -2.99 0.04
C ILE A 69 16.08 -2.53 1.45
N GLN A 70 16.78 -1.41 1.54
CA GLN A 70 17.26 -0.91 2.82
C GLN A 70 16.11 -0.49 3.70
N ILE A 71 15.04 0.13 3.12
CA ILE A 71 13.84 0.53 3.85
C ILE A 71 13.17 -0.70 4.45
N LEU A 72 12.74 -1.68 3.61
CA LEU A 72 12.03 -2.91 4.03
C LEU A 72 12.81 -3.75 5.08
N LYS A 73 14.14 -3.86 4.91
CA LYS A 73 15.11 -4.55 5.78
C LYS A 73 15.10 -3.92 7.16
N ALA A 74 14.91 -2.58 7.23
CA ALA A 74 14.83 -1.83 8.49
C ALA A 74 13.42 -1.82 9.11
N LEU A 75 12.44 -2.43 8.45
CA LEU A 75 11.04 -2.51 8.92
C LEU A 75 10.75 -3.85 9.62
N HIS A 76 10.36 -3.81 10.92
CA HIS A 76 10.11 -5.01 11.73
C HIS A 76 8.74 -4.91 12.42
N SER A 77 7.70 -5.34 11.71
CA SER A 77 6.33 -5.25 12.22
C SER A 77 5.48 -6.37 11.71
N ASP A 78 4.48 -6.76 12.52
CA ASP A 78 3.53 -7.79 12.18
C ASP A 78 2.62 -7.29 11.07
N PHE A 79 2.61 -5.98 10.82
CA PHE A 79 1.72 -5.36 9.83
C PHE A 79 2.42 -4.87 8.59
N ILE A 80 3.74 -5.21 8.44
CA ILE A 80 4.58 -4.91 7.26
C ILE A 80 5.13 -6.22 6.72
N VAL A 81 5.05 -6.47 5.36
CA VAL A 81 5.56 -7.70 4.74
C VAL A 81 6.98 -7.98 5.22
N LYS A 82 7.22 -9.21 5.68
CA LYS A 82 8.54 -9.63 6.15
C LYS A 82 9.57 -9.68 5.04
N TYR A 83 10.69 -9.00 5.22
CA TYR A 83 11.88 -9.06 4.37
C TYR A 83 12.62 -10.35 4.81
N ARG A 84 13.02 -11.19 3.85
CA ARG A 84 13.77 -12.40 4.20
C ARG A 84 15.26 -12.24 3.88
N GLY A 85 15.56 -11.38 2.89
CA GLY A 85 16.93 -11.12 2.48
C GLY A 85 17.10 -10.81 1.01
N VAL A 86 18.33 -10.98 0.49
CA VAL A 86 18.65 -10.69 -0.89
C VAL A 86 19.42 -11.77 -1.56
N SER A 87 19.45 -11.73 -2.89
CA SER A 87 20.23 -12.62 -3.72
C SER A 87 21.16 -11.73 -4.56
N TYR A 88 22.35 -11.43 -4.01
CA TYR A 88 23.41 -10.54 -4.52
C TYR A 88 23.86 -10.72 -5.97
N GLY A 89 24.50 -9.66 -6.50
CA GLY A 89 25.02 -9.60 -7.87
C GLY A 89 26.33 -8.85 -8.00
N PRO A 90 26.47 -7.93 -8.97
CA PRO A 90 27.76 -7.22 -9.15
C PRO A 90 27.92 -6.02 -8.22
N GLY A 91 28.35 -6.33 -7.00
CA GLY A 91 28.56 -5.40 -5.90
C GLY A 91 28.36 -6.10 -4.56
N ARG A 92 27.76 -5.48 -3.48
CA ARG A 92 27.21 -4.13 -3.25
C ARG A 92 25.86 -3.85 -3.98
N GLN A 93 25.56 -4.61 -5.06
CA GLN A 93 24.36 -4.48 -5.87
C GLN A 93 23.58 -5.80 -5.83
N SER A 94 22.60 -5.85 -4.96
CA SER A 94 21.76 -7.02 -4.78
C SER A 94 20.84 -7.20 -5.98
N LEU A 95 21.12 -8.26 -6.77
CA LEU A 95 20.41 -8.65 -7.98
C LEU A 95 18.89 -8.69 -7.74
N ARG A 96 18.39 -9.32 -6.61
CA ARG A 96 16.95 -9.44 -6.25
C ARG A 96 16.65 -9.36 -4.75
N LEU A 97 15.42 -8.90 -4.40
CA LEU A 97 14.90 -8.76 -3.02
C LEU A 97 13.94 -9.91 -2.72
N VAL A 98 14.13 -10.56 -1.56
CA VAL A 98 13.36 -11.73 -1.15
C VAL A 98 12.43 -11.40 0.01
N MET A 99 11.13 -11.66 -0.17
CA MET A 99 10.12 -11.42 0.84
C MET A 99 9.36 -12.72 1.16
N GLU A 100 8.61 -12.70 2.24
CA GLU A 100 7.72 -13.82 2.62
C GLU A 100 6.62 -13.94 1.62
N TYR A 101 6.11 -15.15 1.42
CA TYR A 101 5.01 -15.32 0.47
C TYR A 101 3.69 -15.54 1.22
N LEU A 102 2.65 -14.78 0.83
CA LEU A 102 1.32 -14.86 1.43
C LEU A 102 0.40 -15.43 0.33
N PRO A 103 0.07 -16.75 0.34
CA PRO A 103 -0.72 -17.30 -0.77
C PRO A 103 -2.10 -16.70 -0.95
N SER A 104 -2.67 -16.09 0.12
CA SER A 104 -3.95 -15.40 0.00
C SER A 104 -3.82 -14.14 -0.90
N GLY A 105 -2.61 -13.60 -1.02
CA GLY A 105 -2.37 -12.48 -1.92
C GLY A 105 -2.88 -11.11 -1.51
N CYS A 106 -3.16 -10.27 -2.50
CA CYS A 106 -3.56 -8.87 -2.32
C CYS A 106 -4.97 -8.73 -1.79
N LEU A 107 -5.17 -7.77 -0.90
CA LEU A 107 -6.43 -7.60 -0.17
C LEU A 107 -7.62 -7.29 -1.07
N ARG A 108 -7.40 -6.50 -2.13
CA ARG A 108 -8.38 -6.12 -3.14
C ARG A 108 -9.09 -7.36 -3.71
N ASP A 109 -8.33 -8.37 -4.18
CA ASP A 109 -8.98 -9.56 -4.74
C ASP A 109 -9.48 -10.52 -3.63
N PHE A 110 -8.86 -10.49 -2.43
CA PHE A 110 -9.32 -11.29 -1.28
C PHE A 110 -10.71 -10.82 -0.87
N LEU A 111 -10.92 -9.47 -0.86
CA LEU A 111 -12.18 -8.80 -0.52
C LEU A 111 -13.27 -9.21 -1.47
N GLN A 112 -12.97 -9.20 -2.77
CA GLN A 112 -13.90 -9.58 -3.82
C GLN A 112 -14.26 -11.06 -3.74
N ARG A 113 -13.23 -11.94 -3.59
CA ARG A 113 -13.33 -13.41 -3.50
C ARG A 113 -14.11 -13.89 -2.29
N HIS A 114 -13.97 -13.22 -1.11
CA HIS A 114 -14.62 -13.64 0.15
C HIS A 114 -15.59 -12.62 0.81
N ARG A 115 -16.23 -11.71 0.03
CA ARG A 115 -17.10 -10.63 0.55
C ARG A 115 -18.31 -11.12 1.34
N ALA A 116 -18.99 -12.14 0.82
CA ALA A 116 -20.16 -12.77 1.40
C ALA A 116 -19.89 -13.27 2.83
N ARG A 117 -18.59 -13.39 3.19
CA ARG A 117 -18.05 -13.88 4.46
C ARG A 117 -17.44 -12.78 5.36
N LEU A 118 -16.99 -11.64 4.80
CA LEU A 118 -16.37 -10.59 5.60
C LEU A 118 -17.37 -9.52 5.96
N ASP A 119 -17.64 -9.32 7.28
CA ASP A 119 -18.61 -8.32 7.71
C ASP A 119 -17.89 -7.03 8.20
N ALA A 120 -18.67 -6.00 8.64
CA ALA A 120 -18.18 -4.70 9.09
C ALA A 120 -17.06 -4.85 10.12
N SER A 121 -17.34 -5.67 11.16
CA SER A 121 -16.38 -5.98 12.23
C SER A 121 -15.06 -6.51 11.68
N ARG A 122 -15.13 -7.47 10.73
CA ARG A 122 -13.95 -8.00 10.07
C ARG A 122 -13.20 -6.92 9.28
N LEU A 123 -13.92 -6.00 8.63
CA LEU A 123 -13.30 -4.88 7.89
C LEU A 123 -12.63 -3.82 8.79
N LEU A 124 -13.18 -3.57 10.01
CA LEU A 124 -12.63 -2.57 10.95
C LEU A 124 -11.30 -3.05 11.52
N LEU A 125 -11.21 -4.37 11.79
CA LEU A 125 -9.98 -5.03 12.28
C LEU A 125 -8.92 -4.89 11.21
N TYR A 126 -9.30 -5.06 9.91
CA TYR A 126 -8.37 -4.87 8.78
C TYR A 126 -7.94 -3.41 8.76
N SER A 127 -8.89 -2.47 9.01
CA SER A 127 -8.64 -1.04 9.03
C SER A 127 -7.63 -0.65 10.12
N SER A 128 -7.86 -1.14 11.34
CA SER A 128 -7.05 -0.88 12.52
C SER A 128 -5.64 -1.47 12.40
N GLN A 129 -5.50 -2.62 11.69
CA GLN A 129 -4.20 -3.29 11.45
C GLN A 129 -3.38 -2.50 10.43
N ILE A 130 -4.02 -2.07 9.32
CA ILE A 130 -3.40 -1.20 8.31
C ILE A 130 -3.00 0.10 9.08
N CYS A 131 -3.92 0.61 9.91
CA CYS A 131 -3.65 1.80 10.67
C CYS A 131 -2.39 1.70 11.56
N LYS A 132 -2.24 0.63 12.34
CA LYS A 132 -1.04 0.44 13.20
C LYS A 132 0.25 0.27 12.36
N GLY A 133 0.14 -0.43 11.23
CA GLY A 133 1.24 -0.56 10.29
C GLY A 133 1.68 0.81 9.81
N MET A 134 0.72 1.67 9.44
CA MET A 134 1.01 3.02 8.96
C MET A 134 1.57 3.95 10.01
N GLU A 135 1.07 3.81 11.27
CA GLU A 135 1.53 4.56 12.46
C GLU A 135 3.00 4.18 12.68
N TYR A 136 3.32 2.88 12.49
CA TYR A 136 4.71 2.41 12.60
C TYR A 136 5.58 2.97 11.50
N LEU A 137 5.12 2.93 10.23
CA LEU A 137 5.88 3.45 9.11
C LEU A 137 6.19 4.94 9.30
N GLY A 138 5.23 5.69 9.83
CA GLY A 138 5.39 7.11 10.11
C GLY A 138 6.45 7.39 11.16
N SER A 139 6.53 6.47 12.15
CA SER A 139 7.51 6.49 13.23
C SER A 139 8.94 6.32 12.71
N ARG A 140 9.12 5.61 11.55
CA ARG A 140 10.40 5.34 10.87
C ARG A 140 10.76 6.45 9.91
N ARG A 141 9.90 7.49 9.83
CA ARG A 141 9.99 8.64 8.92
C ARG A 141 9.70 8.16 7.49
N CYS A 142 8.93 7.06 7.33
CA CYS A 142 8.61 6.47 6.02
C CYS A 142 7.26 6.89 5.49
N VAL A 143 7.22 7.31 4.24
CA VAL A 143 5.99 7.71 3.55
C VAL A 143 5.90 6.74 2.41
N HIS A 144 4.83 5.95 2.43
CA HIS A 144 4.60 4.83 1.54
C HIS A 144 4.35 5.26 0.12
N ARG A 145 3.42 6.22 -0.07
CA ARG A 145 3.08 6.89 -1.32
C ARG A 145 2.20 6.04 -2.28
N ASP A 146 2.03 4.77 -2.01
CA ASP A 146 1.17 3.97 -2.88
C ASP A 146 0.26 3.10 -2.03
N LEU A 147 -0.25 3.66 -0.94
CA LEU A 147 -1.12 2.90 -0.06
C LEU A 147 -2.47 2.72 -0.74
N ALA A 148 -2.78 1.47 -1.07
CA ALA A 148 -4.02 1.04 -1.76
C ALA A 148 -4.34 -0.41 -1.30
N ALA A 149 -5.60 -0.88 -1.44
CA ALA A 149 -5.93 -2.28 -1.05
C ALA A 149 -5.19 -3.30 -1.92
N ARG A 150 -4.83 -2.91 -3.14
CA ARG A 150 -4.08 -3.77 -4.04
C ARG A 150 -2.64 -3.95 -3.51
N ASN A 151 -2.19 -3.05 -2.62
CA ASN A 151 -0.86 -3.10 -2.06
C ASN A 151 -0.87 -3.55 -0.60
N ILE A 152 -2.00 -4.12 -0.16
CA ILE A 152 -2.13 -4.67 1.17
C ILE A 152 -2.23 -6.21 0.97
N LEU A 153 -1.51 -7.00 1.77
CA LEU A 153 -1.50 -8.46 1.61
C LEU A 153 -2.28 -9.12 2.72
N VAL A 154 -2.77 -10.34 2.48
CA VAL A 154 -3.52 -11.08 3.49
C VAL A 154 -2.66 -12.25 3.94
N GLU A 155 -2.25 -12.23 5.26
CA GLU A 155 -1.45 -13.25 5.95
C GLU A 155 -2.37 -14.42 6.28
N SER A 156 -3.50 -14.11 6.97
CA SER A 156 -4.58 -15.03 7.30
C SER A 156 -5.95 -14.29 7.27
N GLU A 157 -7.07 -15.04 7.49
CA GLU A 157 -8.45 -14.53 7.54
CA GLU A 157 -8.45 -14.51 7.50
C GLU A 157 -8.60 -13.20 8.31
N ALA A 158 -7.89 -13.06 9.42
CA ALA A 158 -7.99 -11.87 10.29
C ALA A 158 -6.64 -11.09 10.48
N HIS A 159 -5.71 -11.20 9.53
CA HIS A 159 -4.39 -10.57 9.61
C HIS A 159 -3.89 -10.05 8.24
N VAL A 160 -3.77 -8.72 8.12
CA VAL A 160 -3.30 -8.05 6.90
C VAL A 160 -1.94 -7.39 7.11
N LYS A 161 -1.22 -7.14 6.00
CA LYS A 161 0.13 -6.54 6.06
C LYS A 161 0.33 -5.55 4.96
N ILE A 162 1.09 -4.45 5.22
CA ILE A 162 1.43 -3.44 4.21
C ILE A 162 2.55 -3.97 3.31
N ALA A 163 2.43 -3.82 1.96
CA ALA A 163 3.39 -4.31 0.99
C ALA A 163 3.72 -3.28 -0.07
N ASP A 164 4.51 -3.68 -1.09
CA ASP A 164 4.92 -2.86 -2.23
C ASP A 164 5.46 -1.48 -1.83
N PHE A 165 6.74 -1.46 -1.42
CA PHE A 165 7.48 -0.31 -0.94
C PHE A 165 8.40 0.30 -2.03
N GLY A 166 8.05 0.07 -3.29
CA GLY A 166 8.80 0.56 -4.44
C GLY A 166 8.89 2.06 -4.54
N LEU A 167 7.85 2.78 -4.04
CA LEU A 167 7.81 4.23 -4.11
C LEU A 167 7.92 4.90 -2.74
N ALA A 168 8.23 4.11 -1.70
CA ALA A 168 8.41 4.57 -0.33
C ALA A 168 9.66 5.45 -0.22
N LYS A 169 9.58 6.49 0.60
CA LYS A 169 10.66 7.44 0.83
C LYS A 169 10.80 7.79 2.31
N LEU A 170 12.03 8.09 2.71
CA LEU A 170 12.29 8.46 4.09
C LEU A 170 12.26 9.98 4.16
N LEU A 171 11.74 10.50 5.26
CA LEU A 171 11.66 11.93 5.38
C LEU A 171 12.90 12.45 6.06
N PRO A 172 13.49 13.57 5.58
CA PRO A 172 14.67 14.12 6.25
C PRO A 172 14.31 14.53 7.68
N LEU A 173 15.25 14.46 8.61
CA LEU A 173 15.02 14.80 10.02
C LEU A 173 14.53 16.25 10.27
N ASP A 174 14.80 17.20 9.36
CA ASP A 174 14.38 18.62 9.48
C ASP A 174 13.18 18.94 8.60
N LYS A 175 12.69 17.91 7.89
CA LYS A 175 11.61 18.03 6.93
C LYS A 175 10.51 17.01 7.23
N ASP A 176 9.25 17.40 7.06
CA ASP A 176 8.15 16.46 7.31
C ASP A 176 7.37 16.12 6.02
N TYR A 177 7.86 16.60 4.86
CA TYR A 177 7.27 16.38 3.54
C TYR A 177 8.35 16.29 2.48
N TYR A 178 8.07 15.67 1.34
CA TYR A 178 8.99 15.63 0.20
C TYR A 178 8.22 15.86 -1.10
N VAL A 179 8.83 16.57 -2.02
CA VAL A 179 8.28 16.92 -3.32
C VAL A 179 8.95 15.99 -4.37
N VAL A 180 8.16 15.31 -5.23
CA VAL A 180 8.69 14.43 -6.28
C VAL A 180 8.84 15.22 -7.60
N ARG A 181 9.98 15.06 -8.29
CA ARG A 181 10.29 15.75 -9.55
C ARG A 181 9.39 15.30 -10.71
N GLU A 182 9.33 13.97 -10.93
CA GLU A 182 8.58 13.32 -12.01
C GLU A 182 7.14 13.00 -11.59
N PRO A 183 6.15 13.06 -12.52
CA PRO A 183 4.75 12.83 -12.14
C PRO A 183 4.42 11.43 -11.63
N GLY A 184 3.20 11.32 -11.09
CA GLY A 184 2.66 10.08 -10.55
C GLY A 184 2.32 9.07 -11.64
N GLN A 185 2.55 7.77 -11.35
CA GLN A 185 2.26 6.70 -12.30
C GLN A 185 1.24 5.69 -11.80
N SER A 186 0.88 5.79 -10.50
CA SER A 186 -0.12 4.95 -9.85
C SER A 186 -1.51 5.54 -10.18
N PRO A 187 -2.65 4.83 -9.95
CA PRO A 187 -3.96 5.43 -10.24
C PRO A 187 -4.11 6.76 -9.50
N ILE A 188 -4.60 7.81 -10.19
CA ILE A 188 -4.62 9.17 -9.65
C ILE A 188 -5.52 9.34 -8.43
N PHE A 189 -6.54 8.50 -8.30
CA PHE A 189 -7.64 8.56 -7.32
C PHE A 189 -7.26 8.31 -5.87
N TRP A 190 -6.06 7.78 -5.61
CA TRP A 190 -5.58 7.52 -4.27
C TRP A 190 -4.73 8.72 -3.75
N TYR A 191 -4.31 9.67 -4.65
CA TYR A 191 -3.51 10.85 -4.26
C TYR A 191 -4.31 11.97 -3.61
N ALA A 192 -3.64 12.72 -2.73
CA ALA A 192 -4.14 13.88 -2.02
C ALA A 192 -4.09 15.14 -2.94
N PRO A 193 -4.88 16.26 -2.73
CA PRO A 193 -4.83 17.39 -3.68
C PRO A 193 -3.43 18.04 -3.82
N GLU A 194 -2.57 17.96 -2.77
CA GLU A 194 -1.18 18.47 -2.75
C GLU A 194 -0.22 17.59 -3.56
N SER A 195 -0.53 16.29 -3.63
CA SER A 195 0.23 15.34 -4.41
C SER A 195 -0.11 15.57 -5.90
N LEU A 196 -1.41 15.77 -6.21
CA LEU A 196 -1.88 15.98 -7.58
C LEU A 196 -1.34 17.30 -8.17
N SER A 197 -1.63 18.43 -7.51
CA SER A 197 -1.28 19.79 -7.94
C SER A 197 0.18 20.19 -7.72
N ASP A 198 0.87 19.57 -6.76
CA ASP A 198 2.26 19.99 -6.50
C ASP A 198 3.27 18.84 -6.30
N ASN A 199 2.82 17.57 -6.41
CA ASN A 199 3.65 16.37 -6.17
C ASN A 199 4.28 16.37 -4.78
N ILE A 200 3.56 16.91 -3.79
CA ILE A 200 3.96 16.96 -2.39
C ILE A 200 3.48 15.69 -1.69
N PHE A 201 4.39 14.99 -1.03
CA PHE A 201 4.09 13.77 -0.27
C PHE A 201 4.55 13.86 1.19
N SER A 202 3.75 13.30 2.10
CA SER A 202 4.00 13.29 3.55
C SER A 202 3.15 12.18 4.21
N ARG A 203 3.20 12.05 5.55
CA ARG A 203 2.42 11.06 6.32
C ARG A 203 0.96 11.49 6.29
N GLN A 204 0.71 12.74 5.89
CA GLN A 204 -0.60 13.35 5.76
C GLN A 204 -1.23 13.00 4.41
N SER A 205 -0.38 12.79 3.36
CA SER A 205 -0.82 12.33 2.04
C SER A 205 -0.98 10.79 2.06
N ASP A 206 -0.37 10.11 3.05
CA ASP A 206 -0.56 8.68 3.22
C ASP A 206 -1.93 8.49 3.94
N VAL A 207 -2.28 9.42 4.86
CA VAL A 207 -3.58 9.47 5.57
C VAL A 207 -4.76 9.64 4.58
N TRP A 208 -4.61 10.51 3.57
CA TRP A 208 -5.66 10.71 2.54
C TRP A 208 -5.97 9.37 1.85
N SER A 209 -4.88 8.67 1.48
CA SER A 209 -4.81 7.39 0.78
C SER A 209 -5.45 6.32 1.57
N PHE A 210 -5.28 6.34 2.91
CA PHE A 210 -5.90 5.43 3.88
C PHE A 210 -7.43 5.50 3.84
N GLY A 211 -7.98 6.73 3.79
CA GLY A 211 -9.43 6.96 3.73
C GLY A 211 -9.97 6.39 2.43
N VAL A 212 -9.11 6.34 1.41
CA VAL A 212 -9.46 5.70 0.16
C VAL A 212 -9.41 4.18 0.42
N VAL A 213 -8.47 3.69 1.22
CA VAL A 213 -8.37 2.24 1.52
C VAL A 213 -9.59 1.81 2.33
N LEU A 214 -10.06 2.72 3.19
CA LEU A 214 -11.22 2.62 4.04
C LEU A 214 -12.46 2.50 3.16
N TYR A 215 -12.55 3.35 2.09
CA TYR A 215 -13.61 3.32 1.08
C TYR A 215 -13.60 1.95 0.36
N GLU A 216 -12.39 1.48 -0.01
CA GLU A 216 -12.17 0.23 -0.71
C GLU A 216 -12.68 -0.94 0.11
N LEU A 217 -12.34 -1.00 1.43
CA LEU A 217 -12.80 -2.08 2.31
C LEU A 217 -14.32 -2.13 2.41
N PHE A 218 -14.96 -0.96 2.53
CA PHE A 218 -16.40 -0.86 2.70
C PHE A 218 -17.15 -0.93 1.36
N THR A 219 -16.47 -1.40 0.30
CA THR A 219 -17.08 -1.69 -1.01
C THR A 219 -16.75 -3.12 -1.41
N TYR A 220 -15.75 -3.70 -0.70
CA TYR A 220 -15.17 -5.03 -0.89
C TYR A 220 -14.44 -5.00 -2.24
N CYS A 221 -13.90 -3.82 -2.59
CA CYS A 221 -13.23 -3.45 -3.84
C CYS A 221 -14.05 -3.80 -5.11
N ASP A 222 -15.38 -3.60 -5.01
CA ASP A 222 -16.29 -3.78 -6.14
C ASP A 222 -15.90 -2.74 -7.25
N LYS A 223 -15.52 -3.26 -8.46
CA LYS A 223 -15.12 -2.47 -9.64
C LYS A 223 -16.18 -1.46 -10.08
N SER A 224 -17.47 -1.77 -9.90
CA SER A 224 -18.54 -0.84 -10.34
C SER A 224 -18.61 0.44 -9.53
N CYS A 225 -18.36 0.37 -8.23
CA CYS A 225 -18.34 1.56 -7.36
C CYS A 225 -16.89 1.84 -6.86
N SER A 226 -15.86 1.53 -7.64
CA SER A 226 -14.44 1.71 -7.29
C SER A 226 -14.01 3.19 -7.29
N PRO A 227 -12.88 3.61 -6.63
CA PRO A 227 -12.52 5.04 -6.64
C PRO A 227 -12.40 5.59 -8.06
N SER A 228 -11.91 4.75 -9.00
CA SER A 228 -11.79 5.16 -10.40
C SER A 228 -13.15 5.29 -11.07
N ALA A 229 -13.99 4.25 -11.00
CA ALA A 229 -15.31 4.24 -11.64
C ALA A 229 -16.23 5.34 -11.10
N GLU A 230 -16.12 5.68 -9.80
CA GLU A 230 -17.00 6.70 -9.24
C GLU A 230 -16.62 8.14 -9.68
N PHE A 231 -15.30 8.52 -9.71
CA PHE A 231 -14.89 9.87 -10.18
C PHE A 231 -15.27 10.05 -11.63
N LEU A 232 -15.14 8.97 -12.43
CA LEU A 232 -15.51 8.91 -13.83
C LEU A 232 -16.94 9.44 -14.03
N ARG A 233 -17.86 9.16 -13.07
CA ARG A 233 -19.25 9.64 -13.17
C ARG A 233 -19.45 11.08 -12.74
N MET A 234 -18.85 11.48 -11.62
CA MET A 234 -19.00 12.82 -11.06
C MET A 234 -18.31 13.91 -11.91
N MET A 235 -17.19 13.57 -12.59
CA MET A 235 -16.42 14.46 -13.46
C MET A 235 -17.26 15.22 -14.51
N ASP A 240 -12.02 21.74 -23.57
CA ASP A 240 -11.80 20.44 -22.94
C ASP A 240 -10.79 20.51 -21.79
N VAL A 241 -11.02 19.67 -20.75
CA VAL A 241 -10.22 19.62 -19.53
C VAL A 241 -9.55 18.24 -19.37
N PRO A 242 -8.24 18.18 -19.05
CA PRO A 242 -7.60 16.86 -18.82
C PRO A 242 -8.11 16.21 -17.53
N ALA A 243 -8.34 14.87 -17.56
CA ALA A 243 -8.89 14.08 -16.47
C ALA A 243 -8.23 14.25 -15.09
N LEU A 244 -6.95 14.67 -15.03
CA LEU A 244 -6.23 14.90 -13.77
C LEU A 244 -6.70 16.23 -13.14
N SER A 245 -6.82 17.30 -13.97
CA SER A 245 -7.24 18.66 -13.58
C SER A 245 -8.71 18.77 -13.18
N ARG A 246 -9.51 17.81 -13.63
CA ARG A 246 -10.92 17.68 -13.32
C ARG A 246 -11.09 17.20 -11.87
N LEU A 247 -10.31 16.16 -11.49
CA LEU A 247 -10.29 15.59 -10.14
C LEU A 247 -9.75 16.63 -9.16
N LEU A 248 -8.74 17.41 -9.60
CA LEU A 248 -8.19 18.53 -8.84
C LEU A 248 -9.30 19.55 -8.62
N GLU A 249 -10.00 19.95 -9.70
CA GLU A 249 -11.12 20.87 -9.62
C GLU A 249 -12.21 20.39 -8.65
N LEU A 250 -12.68 19.13 -8.79
CA LEU A 250 -13.71 18.51 -7.96
C LEU A 250 -13.37 18.43 -6.48
N LEU A 251 -12.17 17.91 -6.15
CA LEU A 251 -11.69 17.75 -4.79
C LEU A 251 -11.51 19.06 -4.04
N GLU A 252 -10.99 20.09 -4.74
CA GLU A 252 -10.76 21.42 -4.15
C GLU A 252 -12.08 22.14 -3.86
N GLU A 253 -13.11 21.92 -4.70
CA GLU A 253 -14.46 22.49 -4.58
C GLU A 253 -15.11 21.99 -3.28
N GLY A 254 -14.99 20.67 -3.04
CA GLY A 254 -15.51 20.00 -1.85
C GLY A 254 -16.18 18.66 -2.13
N GLN A 255 -15.93 18.12 -3.32
CA GLN A 255 -16.54 16.86 -3.70
C GLN A 255 -15.70 15.69 -3.23
N ARG A 256 -16.38 14.69 -2.72
CA ARG A 256 -15.74 13.47 -2.23
C ARG A 256 -16.49 12.26 -2.76
N LEU A 257 -15.85 11.08 -2.65
CA LEU A 257 -16.48 9.81 -2.94
C LEU A 257 -17.68 9.63 -2.01
N PRO A 258 -18.77 9.04 -2.52
CA PRO A 258 -19.98 8.88 -1.69
C PRO A 258 -19.84 7.77 -0.67
N ALA A 259 -20.70 7.78 0.35
CA ALA A 259 -20.70 6.73 1.34
C ALA A 259 -20.93 5.37 0.63
N PRO A 260 -20.02 4.38 0.79
CA PRO A 260 -20.23 3.08 0.14
C PRO A 260 -21.56 2.41 0.54
N PRO A 261 -22.13 1.55 -0.32
CA PRO A 261 -23.41 0.86 0.04
C PRO A 261 -23.40 0.24 1.44
N ALA A 262 -24.43 0.58 2.26
CA ALA A 262 -24.63 0.12 3.65
C ALA A 262 -23.45 0.38 4.59
N CYS A 263 -22.60 1.39 4.27
CA CYS A 263 -21.44 1.69 5.10
C CYS A 263 -21.85 2.40 6.39
N PRO A 264 -21.39 2.00 7.61
CA PRO A 264 -21.81 2.75 8.80
C PRO A 264 -21.42 4.22 8.73
N ALA A 265 -22.35 5.09 9.18
CA ALA A 265 -22.21 6.55 9.19
C ALA A 265 -20.98 7.03 9.93
N GLU A 266 -20.51 6.23 10.91
CA GLU A 266 -19.33 6.48 11.74
C GLU A 266 -18.07 6.22 10.93
N VAL A 267 -18.03 5.13 10.11
CA VAL A 267 -16.86 4.79 9.27
C VAL A 267 -16.67 5.86 8.16
N HIS A 268 -17.77 6.28 7.55
CA HIS A 268 -17.81 7.31 6.51
C HIS A 268 -17.32 8.67 6.99
N GLU A 269 -17.63 9.07 8.26
CA GLU A 269 -17.23 10.36 8.81
C GLU A 269 -15.70 10.36 8.94
N LEU A 270 -15.10 9.23 9.40
CA LEU A 270 -13.64 9.10 9.50
C LEU A 270 -12.95 9.20 8.13
N MET A 271 -13.63 8.71 7.06
CA MET A 271 -13.17 8.77 5.66
C MET A 271 -13.02 10.25 5.26
N LYS A 272 -14.05 11.08 5.53
CA LYS A 272 -14.08 12.49 5.20
C LYS A 272 -13.04 13.30 5.98
N LEU A 273 -12.68 12.85 7.21
CA LEU A 273 -11.63 13.49 8.03
C LEU A 273 -10.27 13.18 7.40
N CYS A 274 -10.03 11.92 6.96
CA CYS A 274 -8.81 11.52 6.22
C CYS A 274 -8.75 12.39 4.96
N TRP A 275 -9.92 12.92 4.53
CA TRP A 275 -10.06 13.69 3.31
C TRP A 275 -10.18 15.19 3.57
N ALA A 276 -9.73 15.66 4.75
CA ALA A 276 -9.72 17.09 5.06
C ALA A 276 -8.85 17.76 4.03
N PRO A 277 -9.33 18.89 3.45
CA PRO A 277 -8.57 19.53 2.35
C PRO A 277 -7.19 20.06 2.76
N SER A 278 -7.07 20.61 3.97
CA SER A 278 -5.77 21.07 4.47
C SER A 278 -5.07 19.82 5.09
N PRO A 279 -3.79 19.54 4.74
CA PRO A 279 -3.15 18.31 5.24
C PRO A 279 -2.73 18.31 6.71
N GLN A 280 -2.66 19.51 7.32
CA GLN A 280 -2.31 19.66 8.72
C GLN A 280 -3.52 19.33 9.59
N ASP A 281 -4.75 19.59 9.06
CA ASP A 281 -6.04 19.33 9.70
C ASP A 281 -6.36 17.85 9.79
N ARG A 282 -5.78 17.04 8.87
CA ARG A 282 -5.99 15.59 8.77
C ARG A 282 -5.61 14.84 10.06
N PRO A 283 -6.36 13.77 10.42
CA PRO A 283 -6.02 13.04 11.66
C PRO A 283 -4.79 12.20 11.44
N SER A 284 -4.01 11.94 12.51
CA SER A 284 -2.82 11.12 12.33
C SER A 284 -3.25 9.68 12.43
N PHE A 285 -2.34 8.75 12.07
CA PHE A 285 -2.56 7.34 12.19
C PHE A 285 -2.66 6.90 13.65
N SER A 286 -1.82 7.48 14.55
CA SER A 286 -1.85 7.18 15.98
C SER A 286 -3.18 7.67 16.61
N ALA A 287 -3.81 8.70 15.98
CA ALA A 287 -5.12 9.27 16.34
C ALA A 287 -6.29 8.43 15.75
N LEU A 288 -6.12 7.88 14.51
CA LEU A 288 -7.08 7.03 13.77
C LEU A 288 -7.36 5.64 14.42
N GLY A 289 -6.29 5.02 14.95
CA GLY A 289 -6.28 3.71 15.60
C GLY A 289 -7.27 3.47 16.72
N PRO A 290 -7.32 4.28 17.81
CA PRO A 290 -8.28 4.01 18.92
C PRO A 290 -9.75 4.16 18.51
N GLN A 291 -10.01 5.01 17.51
CA GLN A 291 -11.31 5.29 16.91
C GLN A 291 -11.79 4.07 16.12
N LEU A 292 -10.86 3.45 15.36
CA LEU A 292 -11.15 2.21 14.62
C LEU A 292 -11.24 1.04 15.59
N ASP A 293 -10.58 1.18 16.76
CA ASP A 293 -10.51 0.13 17.77
C ASP A 293 -11.69 0.20 18.77
N MET A 294 -12.42 1.34 18.82
CA MET A 294 -13.60 1.53 19.66
C MET A 294 -14.83 0.88 18.99
N LEU A 295 -14.82 0.79 17.64
CA LEU A 295 -15.88 0.17 16.83
C LEU A 295 -15.74 -1.37 16.85
N TRP A 296 -14.78 -1.86 17.66
CA TRP A 296 -14.39 -3.22 18.02
C TRP A 296 -13.73 -4.01 16.88
N SER A 297 -13.11 -5.15 17.26
CA SER A 297 -12.34 -6.08 16.43
C SER A 297 -11.12 -5.41 15.81
N3 7KX B . 2.91 -12.75 -1.28
C4 7KX B . 0.38 -9.07 -5.89
N2 7KX B . 4.76 -11.29 -0.72
C7 7KX B . 3.06 -9.39 -5.22
C6 7KX B . 2.70 -8.52 -6.24
C9 7KX B . 0.74 -9.91 -4.84
C13 7KX B . 5.29 -10.13 -1.22
C8 7KX B . 2.09 -10.09 -4.50
C1 7KX B . -3.84 -9.08 -6.16
C2 7KX B . -3.08 -8.19 -7.12
C3 7KX B . -1.68 -7.90 -6.64
O1 7KX B . -1.24 -6.75 -6.55
N1 7KX B . -0.96 -9.01 -6.32
C5 7KX B . 1.36 -8.36 -6.57
C10 7KX B . 2.47 -10.99 -3.38
C11 7KX B . 3.54 -10.71 -2.49
C12 7KX B . 4.57 -9.73 -2.30
C14 7KX B . 3.68 -11.67 -1.46
C15 7KX B . 1.96 -12.89 -2.21
N4 7KX B . 1.70 -12.09 -3.25
#